data_4D3O
#
_entry.id   4D3O
#
_cell.length_a   79.853
_cell.length_b   93.453
_cell.length_c   62.483
_cell.angle_alpha   90.00
_cell.angle_beta   90.00
_cell.angle_gamma   90.00
#
_symmetry.space_group_name_H-M   'P 21 21 2'
#
loop_
_entity.id
_entity.type
_entity.pdbx_description
1 polymer 'NITRIC OXIDE SYNTHASE OXYGENASE'
2 non-polymer 'PROTOPORPHYRIN IX CONTAINING FE'
3 non-polymer 'CHLORIDE ION'
4 non-polymer 6-(2-{3-(aminomethyl)-5-[2-(1H-pyrrolo[2,3-b]pyridin-6-yl)ethyl]phenyl}ethyl)-4-methylpyridin-2-amine
5 non-polymer N-PROPANOL
6 non-polymer GLYCEROL
7 water water
#
_entity_poly.entity_id   1
_entity_poly.type   'polypeptide(L)'
_entity_poly.pdbx_seq_one_letter_code
;MEEKEILWNEAKAFIAACYQELGKAAEVKDRLADIKSEIDLTGSYVHTKEELEHGAKMAWRNSNRCIGRLFWNSLNVIDR
RDVRTKEEVRDALFHHIETATNNGKIRPTITIFPPEEKGEKQVEIWNHQLIRYAGYESDGERIGDPASCSLTAACEELGW
RGERTDFDLLPLIFRMKGDEQPVWYELPRSLVIEVPITHPDIEAFSDLELKWYGVPIISDMKLEVGGIHYNAAPFNGWYM
GTEIGARNLADEKRYDKLKKVASVIGIAADYNTDLWKDQALVELNKAVLHSYKKQGVSIVDHHTAASQFKRFEEQAEEAG
RKLTGDWTWLIPPISPAATHIFHRSYDNSIVKPNYFYQDKPYE
;
_entity_poly.pdbx_strand_id   A
#
loop_
_chem_comp.id
_chem_comp.type
_chem_comp.name
_chem_comp.formula
CL non-polymer 'CHLORIDE ION' 'Cl -1'
GOL non-polymer GLYCEROL 'C3 H8 O3'
HEM non-polymer 'PROTOPORPHYRIN IX CONTAINING FE' 'C34 H32 Fe N4 O4'
POL non-polymer N-PROPANOL 'C3 H8 O'
S97 non-polymer 6-(2-{3-(aminomethyl)-5-[2-(1H-pyrrolo[2,3-b]pyridin-6-yl)ethyl]phenyl}ethyl)-4-methylpyridin-2-amine 'C24 H27 N5'
#
# COMPACT_ATOMS: atom_id res chain seq x y z
N GLU A 2 -20.74 -12.61 21.96
CA GLU A 2 -19.52 -13.05 21.28
C GLU A 2 -18.74 -11.88 20.69
N GLU A 3 -19.40 -11.09 19.84
CA GLU A 3 -18.83 -9.89 19.23
C GLU A 3 -18.03 -9.08 20.25
N LYS A 4 -18.69 -8.76 21.34
CA LYS A 4 -18.12 -7.98 22.42
C LYS A 4 -16.98 -8.73 23.14
N GLU A 5 -17.12 -10.05 23.26
CA GLU A 5 -16.07 -10.83 23.88
C GLU A 5 -14.81 -10.88 23.01
N ILE A 6 -14.99 -11.00 21.70
CA ILE A 6 -13.88 -10.94 20.77
C ILE A 6 -13.15 -9.61 20.96
N LEU A 7 -13.93 -8.53 21.01
CA LEU A 7 -13.40 -7.18 21.11
C LEU A 7 -12.57 -7.03 22.37
N TRP A 8 -13.15 -7.48 23.47
CA TRP A 8 -12.52 -7.35 24.79
C TRP A 8 -11.21 -8.13 24.87
N ASN A 9 -11.18 -9.33 24.28
CA ASN A 9 -9.98 -10.15 24.31
C ASN A 9 -8.87 -9.54 23.45
N GLU A 10 -9.25 -9.01 22.29
CA GLU A 10 -8.28 -8.36 21.42
C GLU A 10 -7.75 -7.08 22.07
N ALA A 11 -8.63 -6.36 22.76
CA ALA A 11 -8.25 -5.13 23.43
C ALA A 11 -7.25 -5.40 24.56
N LYS A 12 -7.54 -6.38 25.40
CA LYS A 12 -6.62 -6.79 26.46
C LYS A 12 -5.22 -7.12 25.94
N ALA A 13 -5.15 -7.97 24.91
CA ALA A 13 -3.87 -8.35 24.34
C ALA A 13 -3.15 -7.13 23.77
N PHE A 14 -3.88 -6.32 23.01
CA PHE A 14 -3.28 -5.15 22.38
C PHE A 14 -2.79 -4.12 23.40
N ILE A 15 -3.66 -3.70 24.31
CA ILE A 15 -3.26 -2.68 25.30
C ILE A 15 -2.06 -3.13 26.14
N ALA A 16 -2.11 -4.37 26.62
CA ALA A 16 -0.98 -4.95 27.35
C ALA A 16 0.32 -4.86 26.54
N ALA A 17 0.26 -5.30 25.29
CA ALA A 17 1.44 -5.31 24.44
C ALA A 17 1.90 -3.89 24.10
N CYS A 18 0.94 -3.04 23.74
CA CYS A 18 1.22 -1.66 23.33
C CYS A 18 1.88 -0.87 24.47
N TYR A 19 1.26 -0.94 25.63
CA TYR A 19 1.72 -0.21 26.80
C TYR A 19 3.09 -0.71 27.30
N GLN A 20 3.33 -2.00 27.16
CA GLN A 20 4.62 -2.60 27.50
C GLN A 20 5.70 -1.98 26.62
N GLU A 21 5.42 -1.90 25.33
CA GLU A 21 6.37 -1.33 24.37
C GLU A 21 6.57 0.17 24.60
N LEU A 22 5.52 0.83 25.08
CA LEU A 22 5.59 2.28 25.31
C LEU A 22 6.12 2.61 26.71
N GLY A 23 6.45 1.58 27.49
CA GLY A 23 6.91 1.78 28.84
C GLY A 23 5.83 2.29 29.78
N LYS A 24 4.57 2.02 29.43
CA LYS A 24 3.44 2.45 30.25
C LYS A 24 2.79 1.24 30.90
N ALA A 25 3.58 0.22 31.19
CA ALA A 25 3.10 -1.04 31.76
C ALA A 25 2.15 -0.87 32.95
N ALA A 26 2.41 0.14 33.78
CA ALA A 26 1.63 0.34 35.00
C ALA A 26 0.22 0.88 34.75
N GLU A 27 0.00 1.44 33.56
CA GLU A 27 -1.28 2.05 33.23
C GLU A 27 -2.25 1.08 32.57
N VAL A 28 -1.77 -0.13 32.28
CA VAL A 28 -2.59 -1.14 31.63
C VAL A 28 -3.85 -1.46 32.42
N LYS A 29 -3.68 -1.70 33.72
CA LYS A 29 -4.81 -2.08 34.56
C LYS A 29 -5.96 -1.07 34.48
N ASP A 30 -5.64 0.21 34.71
CA ASP A 30 -6.63 1.27 34.72
C ASP A 30 -7.25 1.50 33.35
N ARG A 31 -6.42 1.43 32.31
CA ARG A 31 -6.90 1.60 30.94
C ARG A 31 -7.84 0.46 30.57
N LEU A 32 -7.44 -0.77 30.92
CA LEU A 32 -8.27 -1.94 30.65
C LEU A 32 -9.64 -1.84 31.34
N ALA A 33 -9.66 -1.26 32.53
CA ALA A 33 -10.92 -1.05 33.25
C ALA A 33 -11.80 -0.04 32.51
N ASP A 34 -11.19 1.03 32.03
CA ASP A 34 -11.93 2.06 31.30
C ASP A 34 -12.52 1.47 30.04
N ILE A 35 -11.73 0.65 29.36
CA ILE A 35 -12.14 -0.01 28.13
C ILE A 35 -13.29 -0.99 28.36
N LYS A 36 -13.18 -1.82 29.39
CA LYS A 36 -14.22 -2.83 29.62
C LYS A 36 -15.57 -2.18 29.90
N SER A 37 -15.58 -1.11 30.68
CA SER A 37 -16.83 -0.42 31.00
C SER A 37 -17.33 0.31 29.77
N GLU A 38 -16.41 0.83 28.97
CA GLU A 38 -16.77 1.50 27.73
C GLU A 38 -17.40 0.50 26.76
N ILE A 39 -16.79 -0.67 26.64
CA ILE A 39 -17.35 -1.73 25.81
C ILE A 39 -18.75 -2.12 26.33
N ASP A 40 -18.85 -2.32 27.63
CA ASP A 40 -20.14 -2.61 28.28
C ASP A 40 -21.20 -1.57 27.92
N LEU A 41 -20.82 -0.31 28.04
CA LEU A 41 -21.74 0.81 27.83
C LEU A 41 -22.03 1.07 26.35
N THR A 42 -20.98 1.11 25.54
CA THR A 42 -21.10 1.55 24.15
C THR A 42 -21.02 0.43 23.11
N GLY A 43 -20.57 -0.75 23.51
CA GLY A 43 -20.41 -1.85 22.57
C GLY A 43 -19.06 -1.81 21.87
N SER A 44 -18.28 -0.78 22.19
CA SER A 44 -16.97 -0.60 21.60
C SER A 44 -16.11 0.28 22.49
N TYR A 45 -14.90 0.60 22.05
CA TYR A 45 -14.06 1.55 22.77
C TYR A 45 -13.26 2.40 21.80
N VAL A 46 -12.71 3.49 22.31
CA VAL A 46 -12.00 4.43 21.46
C VAL A 46 -10.53 4.44 21.82
N HIS A 47 -9.67 4.27 20.81
CA HIS A 47 -8.24 4.32 21.06
C HIS A 47 -7.80 5.73 21.38
N THR A 48 -6.84 5.84 22.31
CA THR A 48 -6.14 7.10 22.54
C THR A 48 -5.29 7.33 21.30
N LYS A 49 -4.80 8.55 21.10
CA LYS A 49 -4.01 8.82 19.89
C LYS A 49 -2.69 8.03 19.93
N GLU A 50 -2.16 7.84 21.13
CA GLU A 50 -0.93 7.07 21.30
C GLU A 50 -1.15 5.59 20.94
N GLU A 51 -2.26 5.02 21.38
CA GLU A 51 -2.60 3.64 21.06
C GLU A 51 -2.79 3.47 19.56
N LEU A 52 -3.53 4.40 18.96
CA LEU A 52 -3.82 4.32 17.55
C LEU A 52 -2.52 4.41 16.75
N GLU A 53 -1.67 5.35 17.12
CA GLU A 53 -0.42 5.53 16.40
C GLU A 53 0.48 4.32 16.52
N HIS A 54 0.67 3.86 17.75
CA HIS A 54 1.52 2.72 17.94
C HIS A 54 0.88 1.47 17.34
N GLY A 55 -0.46 1.39 17.42
CA GLY A 55 -1.19 0.31 16.77
C GLY A 55 -0.92 0.20 15.28
N ALA A 56 -0.96 1.33 14.57
CA ALA A 56 -0.74 1.33 13.12
C ALA A 56 0.71 0.93 12.82
N LYS A 57 1.62 1.37 13.68
CA LYS A 57 3.02 1.01 13.53
C LYS A 57 3.25 -0.48 13.79
N MET A 58 2.63 -1.03 14.83
CA MET A 58 2.74 -2.46 15.12
C MET A 58 2.15 -3.26 13.98
N ALA A 59 1.04 -2.76 13.43
CA ALA A 59 0.40 -3.44 12.32
C ALA A 59 1.36 -3.56 11.15
N TRP A 60 2.12 -2.49 10.90
CA TRP A 60 3.06 -2.53 9.80
C TRP A 60 4.17 -3.52 10.15
N ARG A 61 4.63 -3.44 11.39
CA ARG A 61 5.72 -4.29 11.84
C ARG A 61 5.34 -5.76 11.73
N ASN A 62 4.03 -6.03 11.79
CA ASN A 62 3.52 -7.40 11.74
C ASN A 62 3.13 -7.84 10.34
N SER A 63 3.29 -6.97 9.36
CA SER A 63 2.90 -7.29 8.00
C SER A 63 3.89 -8.23 7.35
N ASN A 64 3.53 -9.50 7.38
CA ASN A 64 4.41 -10.57 6.97
C ASN A 64 4.94 -10.41 5.55
N ARG A 65 4.15 -9.79 4.70
CA ARG A 65 4.51 -9.72 3.29
C ARG A 65 5.36 -8.52 2.93
N CYS A 66 5.70 -7.71 3.93
CA CYS A 66 6.34 -6.42 3.65
C CYS A 66 7.84 -6.44 3.93
N ILE A 67 8.62 -6.12 2.90
CA ILE A 67 10.06 -6.14 3.03
C ILE A 67 10.52 -4.82 3.63
N GLY A 68 9.62 -3.85 3.69
CA GLY A 68 10.04 -2.52 4.08
C GLY A 68 9.92 -2.19 5.57
N ARG A 69 9.73 -3.21 6.39
CA ARG A 69 9.34 -3.01 7.79
C ARG A 69 10.39 -2.46 8.72
N LEU A 70 11.64 -2.36 8.29
CA LEU A 70 12.69 -1.77 9.15
C LEU A 70 12.22 -0.44 9.69
N PHE A 71 11.50 0.28 8.86
CA PHE A 71 11.13 1.66 9.17
C PHE A 71 9.77 1.79 9.84
N TRP A 72 9.26 0.69 10.40
CA TRP A 72 7.92 0.65 10.99
C TRP A 72 7.69 1.75 12.03
N ASN A 73 8.71 2.06 12.81
CA ASN A 73 8.51 2.98 13.92
C ASN A 73 8.49 4.44 13.49
N SER A 74 8.78 4.68 12.21
CA SER A 74 8.79 6.06 11.72
C SER A 74 7.53 6.36 10.89
N LEU A 75 6.58 5.42 10.87
CA LEU A 75 5.30 5.66 10.21
C LEU A 75 4.65 6.95 10.72
N ASN A 76 4.24 7.81 9.80
CA ASN A 76 3.54 9.04 10.14
C ASN A 76 2.04 8.73 10.20
N VAL A 77 1.47 8.76 11.39
CA VAL A 77 0.06 8.36 11.56
C VAL A 77 -0.84 9.59 11.64
N ILE A 78 -1.74 9.74 10.67
CA ILE A 78 -2.67 10.86 10.67
C ILE A 78 -4.03 10.37 11.16
N ASP A 79 -4.49 10.93 12.28
CA ASP A 79 -5.74 10.48 12.88
C ASP A 79 -6.90 11.30 12.34
N ARG A 80 -7.66 10.70 11.42
CA ARG A 80 -8.84 11.40 10.90
C ARG A 80 -10.14 10.70 11.31
N ARG A 81 -10.18 10.26 12.57
CA ARG A 81 -11.38 9.64 13.12
C ARG A 81 -12.46 10.69 13.33
N ASP A 82 -12.10 11.95 13.14
CA ASP A 82 -13.03 13.06 13.31
C ASP A 82 -13.89 13.33 12.07
N VAL A 83 -13.55 12.76 10.92
CA VAL A 83 -14.28 13.10 9.69
C VAL A 83 -15.72 12.59 9.69
N ARG A 84 -16.63 13.36 9.10
CA ARG A 84 -18.04 13.00 9.04
C ARG A 84 -18.68 13.22 7.67
N THR A 85 -18.04 14.04 6.85
CA THR A 85 -18.61 14.45 5.56
C THR A 85 -17.73 13.95 4.44
N LYS A 86 -18.30 13.84 3.24
CA LYS A 86 -17.52 13.33 2.12
C LYS A 86 -16.45 14.35 1.68
N GLU A 87 -16.72 15.63 1.90
CA GLU A 87 -15.70 16.62 1.58
C GLU A 87 -14.52 16.53 2.55
N GLU A 88 -14.78 16.25 3.82
CA GLU A 88 -13.70 16.02 4.80
C GLU A 88 -12.88 14.78 4.44
N VAL A 89 -13.55 13.72 4.02
CA VAL A 89 -12.86 12.52 3.57
C VAL A 89 -12.01 12.85 2.35
N ARG A 90 -12.60 13.55 1.38
CA ARG A 90 -11.88 13.87 0.16
C ARG A 90 -10.65 14.71 0.45
N ASP A 91 -10.82 15.73 1.29
CA ASP A 91 -9.71 16.59 1.64
C ASP A 91 -8.66 15.84 2.45
N ALA A 92 -9.09 14.91 3.28
CA ALA A 92 -8.16 14.07 4.04
C ALA A 92 -7.35 13.16 3.11
N LEU A 93 -7.98 12.71 2.03
CA LEU A 93 -7.27 11.87 1.09
C LEU A 93 -6.29 12.71 0.25
N PHE A 94 -6.75 13.88 -0.18
CA PHE A 94 -5.88 14.81 -0.88
C PHE A 94 -4.68 15.16 -0.01
N HIS A 95 -4.95 15.40 1.27
CA HIS A 95 -3.89 15.75 2.20
C HIS A 95 -2.87 14.63 2.36
N HIS A 96 -3.38 13.39 2.46
CA HIS A 96 -2.50 12.24 2.57
C HIS A 96 -1.59 12.20 1.35
N ILE A 97 -2.16 12.29 0.15
CA ILE A 97 -1.33 12.30 -1.04
C ILE A 97 -0.25 13.36 -1.00
N GLU A 98 -0.62 14.59 -0.64
CA GLU A 98 0.34 15.68 -0.62
C GLU A 98 1.42 15.45 0.45
N THR A 99 1.00 15.02 1.64
CA THR A 99 1.96 14.94 2.75
C THR A 99 2.84 13.71 2.64
N ALA A 100 2.28 12.63 2.11
CA ALA A 100 3.04 11.43 1.85
C ALA A 100 4.01 11.66 0.71
N THR A 101 3.58 12.40 -0.31
CA THR A 101 4.44 12.64 -1.48
C THR A 101 5.61 13.51 -1.07
N ASN A 102 5.32 14.55 -0.31
CA ASN A 102 6.36 15.40 0.27
C ASN A 102 7.36 15.86 -0.79
N ASN A 103 6.85 16.34 -1.92
CA ASN A 103 7.72 16.79 -3.01
C ASN A 103 8.68 15.72 -3.55
N GLY A 104 8.34 14.46 -3.36
CA GLY A 104 9.17 13.37 -3.86
C GLY A 104 9.90 12.62 -2.75
N LYS A 105 10.21 13.30 -1.66
CA LYS A 105 10.87 12.64 -0.53
C LYS A 105 9.80 11.98 0.32
N ILE A 106 9.38 10.81 -0.14
CA ILE A 106 8.15 10.16 0.34
C ILE A 106 8.20 9.85 1.82
N ARG A 107 7.11 10.19 2.51
CA ARG A 107 6.95 9.90 3.93
CA ARG A 107 6.96 9.90 3.92
C ARG A 107 5.95 8.77 4.12
N PRO A 108 6.40 7.65 4.68
CA PRO A 108 5.45 6.57 4.96
C PRO A 108 4.40 7.15 5.90
N THR A 109 3.14 7.05 5.49
CA THR A 109 2.05 7.73 6.17
C THR A 109 0.83 6.83 6.14
N ILE A 110 0.02 6.89 7.19
CA ILE A 110 -1.28 6.25 7.16
C ILE A 110 -2.29 7.29 7.64
N THR A 111 -3.44 7.38 6.97
CA THR A 111 -4.50 8.25 7.45
C THR A 111 -5.57 7.31 7.96
N ILE A 112 -5.98 7.49 9.20
CA ILE A 112 -6.94 6.57 9.80
C ILE A 112 -8.30 7.21 9.92
N PHE A 113 -9.29 6.63 9.23
CA PHE A 113 -10.64 7.17 9.26
C PHE A 113 -11.45 6.48 10.36
N PRO A 114 -12.67 6.99 10.67
CA PRO A 114 -13.49 6.34 11.70
C PRO A 114 -13.62 4.84 11.44
N PRO A 115 -13.60 4.02 12.50
CA PRO A 115 -13.62 2.57 12.32
C PRO A 115 -15.04 2.06 12.13
N GLU A 116 -15.18 0.80 11.71
CA GLU A 116 -16.49 0.16 11.62
C GLU A 116 -17.12 0.17 13.00
N GLU A 117 -18.44 0.21 13.06
CA GLU A 117 -19.14 0.25 14.34
C GLU A 117 -19.81 -1.07 14.67
N LYS A 118 -20.94 -1.36 14.03
CA LYS A 118 -21.56 -2.68 14.18
C LYS A 118 -21.10 -3.59 13.04
N GLY A 119 -19.84 -3.44 12.67
CA GLY A 119 -19.35 -4.00 11.42
C GLY A 119 -19.77 -3.09 10.29
N GLU A 120 -20.44 -2.00 10.65
CA GLU A 120 -20.92 -1.01 9.69
C GLU A 120 -19.87 0.03 9.40
N LYS A 121 -19.51 0.14 8.13
CA LYS A 121 -18.47 1.07 7.71
C LYS A 121 -18.98 2.51 7.77
N GLN A 122 -18.10 3.42 8.14
CA GLN A 122 -18.45 4.84 8.21
C GLN A 122 -18.03 5.45 6.88
N VAL A 123 -16.88 4.98 6.39
CA VAL A 123 -16.33 5.39 5.12
C VAL A 123 -15.87 4.12 4.44
N GLU A 124 -16.28 3.94 3.19
CA GLU A 124 -15.92 2.77 2.41
C GLU A 124 -15.10 3.23 1.20
N ILE A 125 -13.79 3.01 1.21
CA ILE A 125 -12.98 3.42 0.08
C ILE A 125 -13.02 2.34 -1.00
N TRP A 126 -13.32 2.74 -2.25
CA TRP A 126 -13.38 1.78 -3.33
C TRP A 126 -12.04 1.58 -4.03
N ASN A 127 -11.21 2.62 -4.06
CA ASN A 127 -9.90 2.52 -4.71
C ASN A 127 -9.04 1.44 -4.10
N HIS A 128 -8.23 0.79 -4.91
CA HIS A 128 -7.24 -0.15 -4.40
C HIS A 128 -6.04 0.67 -3.94
N GLN A 129 -5.63 1.63 -4.77
CA GLN A 129 -4.66 2.63 -4.32
C GLN A 129 -5.24 3.99 -4.62
N LEU A 130 -4.87 4.99 -3.82
CA LEU A 130 -5.42 6.32 -4.03
C LEU A 130 -5.04 6.83 -5.40
N ILE A 131 -3.82 6.50 -5.82
CA ILE A 131 -3.35 6.89 -7.14
C ILE A 131 -3.16 5.59 -7.91
N ARG A 132 -3.92 5.43 -8.99
CA ARG A 132 -3.81 4.25 -9.82
C ARG A 132 -4.37 4.55 -11.19
N TYR A 133 -3.91 3.82 -12.20
CA TYR A 133 -4.36 4.07 -13.56
C TYR A 133 -5.57 3.22 -13.88
N ALA A 134 -6.46 3.78 -14.71
CA ALA A 134 -7.67 3.08 -15.12
C ALA A 134 -7.31 2.01 -16.11
N GLY A 135 -8.22 1.05 -16.29
CA GLY A 135 -8.03 0.05 -17.31
C GLY A 135 -9.31 -0.16 -18.08
N TYR A 136 -9.18 -0.45 -19.36
CA TYR A 136 -10.34 -0.64 -20.20
C TYR A 136 -10.11 -1.88 -21.05
N GLU A 137 -11.19 -2.60 -21.33
CA GLU A 137 -11.14 -3.74 -22.24
C GLU A 137 -12.47 -3.78 -22.95
N SER A 138 -12.43 -3.76 -24.29
CA SER A 138 -13.63 -3.88 -25.11
C SER A 138 -13.21 -3.92 -26.58
N ASP A 139 -14.07 -4.48 -27.42
CA ASP A 139 -13.86 -4.46 -28.87
C ASP A 139 -12.47 -4.99 -29.22
N GLY A 140 -12.02 -5.99 -28.47
CA GLY A 140 -10.68 -6.53 -28.60
C GLY A 140 -9.60 -5.69 -27.93
N GLU A 141 -9.87 -4.40 -27.76
CA GLU A 141 -8.87 -3.42 -27.35
C GLU A 141 -8.65 -3.32 -25.84
N ARG A 142 -7.38 -3.38 -25.44
CA ARG A 142 -6.98 -3.17 -24.05
C ARG A 142 -6.26 -1.83 -23.91
N ILE A 143 -6.71 -1.01 -22.96
CA ILE A 143 -6.04 0.24 -22.69
C ILE A 143 -5.79 0.36 -21.21
N GLY A 144 -4.61 0.84 -20.83
CA GLY A 144 -4.33 1.12 -19.44
C GLY A 144 -4.04 -0.13 -18.63
N ASP A 145 -4.37 -0.08 -17.34
CA ASP A 145 -4.01 -1.14 -16.42
C ASP A 145 -5.13 -2.14 -16.26
N PRO A 146 -4.93 -3.39 -16.75
CA PRO A 146 -6.01 -4.38 -16.70
C PRO A 146 -6.47 -4.65 -15.27
N ALA A 147 -5.58 -4.47 -14.30
CA ALA A 147 -5.91 -4.70 -12.90
C ALA A 147 -7.00 -3.72 -12.42
N SER A 148 -7.16 -2.61 -13.13
CA SER A 148 -8.15 -1.60 -12.72
C SER A 148 -9.45 -1.68 -13.51
N CYS A 149 -9.56 -2.68 -14.38
CA CYS A 149 -10.73 -2.78 -15.25
C CYS A 149 -12.06 -2.77 -14.51
N SER A 150 -12.13 -3.49 -13.39
CA SER A 150 -13.42 -3.64 -12.72
C SER A 150 -13.77 -2.33 -12.02
N LEU A 151 -12.78 -1.73 -11.37
CA LEU A 151 -13.03 -0.46 -10.69
C LEU A 151 -13.30 0.63 -11.71
N THR A 152 -12.58 0.61 -12.82
CA THR A 152 -12.80 1.59 -13.88
C THR A 152 -14.23 1.52 -14.40
N ALA A 153 -14.72 0.31 -14.62
CA ALA A 153 -16.08 0.14 -15.11
C ALA A 153 -17.08 0.60 -14.07
N ALA A 154 -16.78 0.36 -12.80
CA ALA A 154 -17.66 0.78 -11.72
C ALA A 154 -17.72 2.30 -11.68
N CYS A 155 -16.58 2.93 -11.90
CA CYS A 155 -16.48 4.39 -11.91
CA CYS A 155 -16.51 4.38 -11.89
C CYS A 155 -17.30 4.98 -13.05
N GLU A 156 -17.16 4.39 -14.22
CA GLU A 156 -17.88 4.88 -15.38
C GLU A 156 -19.37 4.64 -15.27
N GLU A 157 -19.77 3.84 -14.29
CA GLU A 157 -21.20 3.70 -13.96
C GLU A 157 -21.66 4.87 -13.11
N LEU A 158 -20.71 5.57 -12.50
CA LEU A 158 -21.04 6.69 -11.62
C LEU A 158 -20.95 8.02 -12.33
N GLY A 159 -20.83 7.98 -13.66
CA GLY A 159 -20.82 9.21 -14.45
C GLY A 159 -19.43 9.77 -14.71
N TRP A 160 -18.41 9.10 -14.19
CA TRP A 160 -17.04 9.45 -14.55
C TRP A 160 -16.76 8.85 -15.92
N ARG A 161 -15.87 9.47 -16.67
CA ARG A 161 -15.45 8.95 -17.96
C ARG A 161 -13.95 9.16 -18.10
N GLY A 162 -13.22 8.08 -18.42
CA GLY A 162 -11.78 8.19 -18.59
C GLY A 162 -11.47 8.64 -20.00
N GLU A 163 -10.34 9.33 -20.17
CA GLU A 163 -9.89 9.74 -21.50
C GLU A 163 -9.41 8.57 -22.37
N ARG A 164 -9.21 7.43 -21.71
CA ARG A 164 -8.71 6.21 -22.38
C ARG A 164 -7.31 6.35 -22.96
N THR A 165 -6.42 7.02 -22.20
CA THR A 165 -5.00 6.87 -22.38
C THR A 165 -4.60 5.64 -21.56
N ASP A 166 -3.34 5.22 -21.67
CA ASP A 166 -2.87 4.07 -20.92
C ASP A 166 -2.63 4.44 -19.47
N PHE A 167 -2.77 5.73 -19.18
CA PHE A 167 -2.40 6.26 -17.88
C PHE A 167 -3.41 7.27 -17.35
N ASP A 168 -4.70 6.95 -17.44
CA ASP A 168 -5.74 7.81 -16.85
C ASP A 168 -5.70 7.61 -15.35
N LEU A 169 -5.64 8.69 -14.59
CA LEU A 169 -5.75 8.56 -13.15
C LEU A 169 -7.21 8.29 -12.81
N LEU A 170 -7.45 7.23 -12.06
CA LEU A 170 -8.78 6.97 -11.55
C LEU A 170 -9.09 8.07 -10.53
N PRO A 171 -10.37 8.43 -10.42
CA PRO A 171 -10.70 9.40 -9.39
C PRO A 171 -10.70 8.70 -8.03
N LEU A 172 -10.70 9.48 -6.95
CA LEU A 172 -10.97 8.91 -5.65
C LEU A 172 -12.41 8.49 -5.68
N ILE A 173 -12.70 7.34 -5.09
CA ILE A 173 -14.08 6.91 -5.03
C ILE A 173 -14.34 6.22 -3.71
N PHE A 174 -15.32 6.74 -2.99
CA PHE A 174 -15.64 6.19 -1.68
C PHE A 174 -17.09 6.42 -1.36
N ARG A 175 -17.62 5.59 -0.47
CA ARG A 175 -19.00 5.71 -0.07
C ARG A 175 -19.07 6.05 1.40
N MET A 176 -19.96 6.98 1.74
CA MET A 176 -20.23 7.32 3.13
C MET A 176 -21.35 6.45 3.67
N LYS A 177 -21.28 6.16 4.97
CA LYS A 177 -22.38 5.48 5.66
C LYS A 177 -23.67 6.24 5.39
N GLY A 178 -24.69 5.53 4.94
CA GLY A 178 -25.99 6.14 4.75
C GLY A 178 -26.25 6.51 3.31
N ASP A 179 -25.19 6.50 2.50
CA ASP A 179 -25.34 6.75 1.07
C ASP A 179 -25.39 5.43 0.34
N GLU A 180 -26.24 5.34 -0.68
CA GLU A 180 -26.30 4.14 -1.49
C GLU A 180 -25.13 4.06 -2.46
N GLN A 181 -24.80 5.20 -3.07
CA GLN A 181 -23.76 5.23 -4.10
C GLN A 181 -22.49 5.94 -3.62
N PRO A 182 -21.33 5.44 -4.04
CA PRO A 182 -20.11 6.17 -3.69
C PRO A 182 -20.11 7.50 -4.44
N VAL A 183 -19.27 8.43 -4.01
CA VAL A 183 -19.04 9.64 -4.78
C VAL A 183 -17.65 9.48 -5.37
N TRP A 184 -17.35 10.26 -6.39
CA TRP A 184 -16.01 10.25 -6.95
C TRP A 184 -15.51 11.67 -7.12
N TYR A 185 -14.19 11.83 -6.97
CA TYR A 185 -13.55 13.12 -7.18
C TYR A 185 -12.29 12.90 -7.98
N GLU A 186 -12.14 13.70 -9.03
CA GLU A 186 -10.95 13.67 -9.85
C GLU A 186 -9.74 14.11 -8.98
N LEU A 187 -8.63 13.42 -9.14
CA LEU A 187 -7.41 13.84 -8.44
C LEU A 187 -6.88 15.12 -9.07
N PRO A 188 -6.59 16.13 -8.23
CA PRO A 188 -5.87 17.29 -8.79
C PRO A 188 -4.51 16.81 -9.31
N ARG A 189 -4.18 17.12 -10.56
CA ARG A 189 -2.94 16.61 -11.13
C ARG A 189 -1.71 17.17 -10.42
N SER A 190 -1.85 18.37 -9.83
CA SER A 190 -0.75 18.99 -9.09
C SER A 190 -0.33 18.18 -7.87
N LEU A 191 -1.22 17.30 -7.41
CA LEU A 191 -0.98 16.48 -6.22
C LEU A 191 -0.18 15.23 -6.59
N VAL A 192 -0.30 14.82 -7.85
CA VAL A 192 0.14 13.49 -8.26
C VAL A 192 1.48 13.56 -8.98
N ILE A 193 2.52 13.06 -8.33
CA ILE A 193 3.81 12.99 -8.98
C ILE A 193 3.86 11.76 -9.87
N GLU A 194 4.22 11.97 -11.13
CA GLU A 194 4.44 10.86 -12.03
C GLU A 194 5.89 10.89 -12.49
N VAL A 195 6.43 9.73 -12.82
CA VAL A 195 7.82 9.64 -13.22
C VAL A 195 7.87 9.04 -14.61
N PRO A 196 8.38 9.81 -15.59
CA PRO A 196 8.57 9.22 -16.93
C PRO A 196 9.69 8.19 -16.83
N ILE A 197 9.57 7.06 -17.52
CA ILE A 197 10.60 6.04 -17.41
C ILE A 197 11.59 6.18 -18.55
N THR A 198 12.84 6.48 -18.21
CA THR A 198 13.91 6.56 -19.17
C THR A 198 15.03 5.68 -18.67
N HIS A 199 15.96 5.37 -19.54
CA HIS A 199 17.03 4.46 -19.17
C HIS A 199 18.31 5.28 -19.15
N PRO A 200 19.23 4.97 -18.23
CA PRO A 200 20.47 5.75 -18.10
C PRO A 200 21.38 5.71 -19.33
N ASP A 201 21.32 4.64 -20.12
CA ASP A 201 22.27 4.44 -21.22
C ASP A 201 21.60 4.30 -22.58
N ILE A 202 20.34 3.87 -22.56
CA ILE A 202 19.62 3.56 -23.79
C ILE A 202 18.61 4.65 -24.06
N GLU A 203 18.93 5.53 -25.01
CA GLU A 203 18.10 6.70 -25.27
C GLU A 203 16.75 6.33 -25.86
N ALA A 204 16.71 5.27 -26.67
CA ALA A 204 15.48 4.85 -27.30
C ALA A 204 14.41 4.44 -26.29
N PHE A 205 14.81 4.23 -25.04
CA PHE A 205 13.89 3.74 -24.02
C PHE A 205 12.72 4.70 -23.81
N SER A 206 12.93 6.00 -24.03
CA SER A 206 11.87 6.99 -23.94
CA SER A 206 11.84 6.95 -23.89
C SER A 206 10.77 6.75 -24.96
N ASP A 207 11.12 6.06 -26.06
CA ASP A 207 10.16 5.77 -27.14
C ASP A 207 8.99 4.94 -26.63
N LEU A 208 9.20 4.21 -25.53
CA LEU A 208 8.14 3.38 -24.95
C LEU A 208 7.08 4.25 -24.27
N GLU A 209 7.44 5.49 -23.98
CA GLU A 209 6.55 6.45 -23.32
C GLU A 209 5.92 5.86 -22.07
N LEU A 210 6.75 5.19 -21.28
CA LEU A 210 6.29 4.62 -20.02
C LEU A 210 6.38 5.67 -18.94
N LYS A 211 5.48 5.55 -17.98
CA LYS A 211 5.59 6.34 -16.77
C LYS A 211 4.94 5.56 -15.65
N TRP A 212 5.10 6.03 -14.42
CA TRP A 212 4.40 5.45 -13.31
C TRP A 212 4.22 6.52 -12.25
N TYR A 213 3.36 6.28 -11.29
CA TYR A 213 3.08 7.32 -10.33
C TYR A 213 4.07 7.15 -9.19
N GLY A 214 4.33 8.23 -8.46
CA GLY A 214 5.40 8.19 -7.47
C GLY A 214 5.11 7.38 -6.22
N VAL A 215 3.86 7.41 -5.77
CA VAL A 215 3.56 6.93 -4.43
C VAL A 215 2.46 5.90 -4.42
N PRO A 216 2.78 4.67 -3.98
CA PRO A 216 1.78 3.61 -3.86
C PRO A 216 1.04 3.76 -2.55
N ILE A 217 -0.24 4.09 -2.62
CA ILE A 217 -1.00 4.36 -1.40
C ILE A 217 -2.13 3.36 -1.30
N ILE A 218 -1.88 2.25 -0.60
CA ILE A 218 -2.84 1.16 -0.51
C ILE A 218 -4.03 1.61 0.29
N SER A 219 -5.21 1.55 -0.30
CA SER A 219 -6.36 2.17 0.33
C SER A 219 -7.52 1.23 0.54
N ASP A 220 -7.32 -0.06 0.31
CA ASP A 220 -8.43 -0.99 0.41
C ASP A 220 -8.22 -2.05 1.49
N MET A 221 -7.23 -1.86 2.35
CA MET A 221 -7.01 -2.83 3.41
C MET A 221 -7.56 -2.36 4.74
N LYS A 222 -7.85 -3.31 5.60
CA LYS A 222 -8.40 -3.00 6.90
C LYS A 222 -7.30 -3.04 7.93
N LEU A 223 -7.15 -1.95 8.69
CA LEU A 223 -6.23 -1.96 9.83
C LEU A 223 -7.01 -2.46 11.02
N GLU A 224 -6.53 -3.53 11.63
CA GLU A 224 -7.18 -4.00 12.84
C GLU A 224 -6.25 -3.78 14.02
N VAL A 225 -6.74 -3.04 15.01
CA VAL A 225 -5.95 -2.75 16.19
C VAL A 225 -6.80 -2.98 17.43
N GLY A 226 -6.40 -3.92 18.27
CA GLY A 226 -7.11 -4.16 19.52
C GLY A 226 -8.60 -4.41 19.35
N GLY A 227 -8.95 -5.13 18.29
CA GLY A 227 -10.33 -5.49 18.05
C GLY A 227 -11.14 -4.42 17.34
N ILE A 228 -10.52 -3.28 17.09
CA ILE A 228 -11.19 -2.20 16.37
C ILE A 228 -10.83 -2.30 14.89
N HIS A 229 -11.83 -2.26 14.02
CA HIS A 229 -11.62 -2.46 12.59
C HIS A 229 -11.61 -1.14 11.84
N TYR A 230 -10.42 -0.65 11.52
CA TYR A 230 -10.32 0.55 10.70
C TYR A 230 -10.28 0.12 9.24
N ASN A 231 -11.45 -0.02 8.65
CA ASN A 231 -11.54 -0.54 7.28
C ASN A 231 -11.02 0.48 6.29
N ALA A 232 -11.06 1.74 6.69
CA ALA A 232 -10.58 2.83 5.86
C ALA A 232 -9.36 3.45 6.52
N ALA A 233 -8.18 3.05 6.08
CA ALA A 233 -6.95 3.55 6.65
C ALA A 233 -5.86 3.44 5.61
N PRO A 234 -5.93 4.29 4.57
CA PRO A 234 -4.94 4.15 3.51
C PRO A 234 -3.53 4.45 3.99
N PHE A 235 -2.58 3.67 3.52
CA PHE A 235 -1.20 3.87 3.91
C PHE A 235 -0.30 3.80 2.70
N ASN A 236 0.91 4.34 2.83
CA ASN A 236 1.85 4.29 1.73
C ASN A 236 3.26 4.14 2.28
N GLY A 237 4.13 3.57 1.46
CA GLY A 237 5.55 3.67 1.69
C GLY A 237 6.07 4.31 0.43
N TRP A 238 7.29 3.96 0.04
CA TRP A 238 7.77 4.26 -1.28
C TRP A 238 7.87 2.96 -2.01
N TYR A 239 8.01 3.02 -3.32
CA TYR A 239 8.11 1.82 -4.09
C TYR A 239 9.44 1.15 -3.92
N MET A 240 9.44 -0.17 -4.01
CA MET A 240 10.65 -0.90 -4.32
C MET A 240 10.57 -1.05 -5.84
N GLY A 241 11.68 -0.79 -6.54
CA GLY A 241 11.66 -0.71 -8.00
C GLY A 241 11.03 -1.89 -8.73
N THR A 242 11.26 -3.09 -8.23
CA THR A 242 10.72 -4.31 -8.86
C THR A 242 9.20 -4.34 -8.92
N GLU A 243 8.52 -3.62 -8.04
CA GLU A 243 7.06 -3.60 -8.06
C GLU A 243 6.58 -2.94 -9.33
N ILE A 244 7.34 -1.96 -9.78
CA ILE A 244 6.99 -1.22 -10.98
C ILE A 244 7.56 -1.95 -12.18
N GLY A 245 8.86 -2.27 -12.13
CA GLY A 245 9.55 -2.79 -13.28
C GLY A 245 9.35 -4.27 -13.56
N ALA A 246 9.11 -5.05 -12.53
CA ALA A 246 9.01 -6.51 -12.70
C ALA A 246 7.56 -6.94 -12.62
N ARG A 247 6.68 -6.04 -12.19
CA ARG A 247 5.29 -6.44 -12.05
C ARG A 247 4.32 -5.51 -12.77
N ASN A 248 4.21 -4.26 -12.34
CA ASN A 248 3.24 -3.34 -12.95
C ASN A 248 3.48 -3.14 -14.43
N LEU A 249 4.72 -2.94 -14.81
CA LEU A 249 5.00 -2.72 -16.24
C LEU A 249 5.29 -4.00 -17.01
N ALA A 250 5.68 -5.06 -16.30
CA ALA A 250 6.13 -6.28 -16.97
C ALA A 250 5.13 -7.42 -17.07
N ASP A 251 4.25 -7.57 -16.07
CA ASP A 251 3.34 -8.72 -16.04
C ASP A 251 2.48 -8.74 -17.30
N GLU A 252 2.20 -9.93 -17.82
CA GLU A 252 1.39 -10.06 -19.01
C GLU A 252 -0.04 -9.60 -18.76
N LYS A 253 -0.49 -9.72 -17.51
CA LYS A 253 -1.83 -9.29 -17.13
C LYS A 253 -1.85 -7.85 -16.63
N ARG A 254 -0.72 -7.15 -16.76
CA ARG A 254 -0.67 -5.73 -16.42
C ARG A 254 -0.28 -4.99 -17.68
N TYR A 255 0.77 -4.18 -17.62
CA TYR A 255 1.12 -3.41 -18.81
C TYR A 255 1.88 -4.20 -19.88
N ASP A 256 2.41 -5.37 -19.50
CA ASP A 256 2.94 -6.32 -20.49
C ASP A 256 3.98 -5.70 -21.43
N LYS A 257 4.97 -5.02 -20.89
CA LYS A 257 5.87 -4.23 -21.73
C LYS A 257 7.17 -4.92 -22.17
N LEU A 258 7.39 -6.18 -21.77
CA LEU A 258 8.70 -6.80 -22.00
C LEU A 258 9.12 -6.91 -23.48
N LYS A 259 8.22 -7.32 -24.35
CA LYS A 259 8.54 -7.42 -25.77
C LYS A 259 8.94 -6.05 -26.31
N LYS A 260 8.20 -5.01 -25.93
CA LYS A 260 8.55 -3.66 -26.35
C LYS A 260 9.88 -3.21 -25.75
N VAL A 261 10.13 -3.59 -24.50
CA VAL A 261 11.41 -3.28 -23.89
C VAL A 261 12.53 -3.98 -24.67
N ALA A 262 12.31 -5.24 -24.99
CA ALA A 262 13.32 -6.02 -25.70
C ALA A 262 13.66 -5.32 -27.00
N SER A 263 12.64 -4.82 -27.67
CA SER A 263 12.85 -4.18 -28.96
C SER A 263 13.70 -2.91 -28.85
N VAL A 264 13.40 -2.05 -27.87
CA VAL A 264 14.15 -0.79 -27.75
C VAL A 264 15.56 -0.97 -27.19
N ILE A 265 15.78 -2.04 -26.43
CA ILE A 265 17.14 -2.29 -25.95
C ILE A 265 17.95 -3.06 -26.98
N GLY A 266 17.31 -3.36 -28.10
CA GLY A 266 18.00 -3.94 -29.23
C GLY A 266 18.31 -5.43 -29.12
N ILE A 267 17.48 -6.19 -28.42
CA ILE A 267 17.66 -7.66 -28.43
C ILE A 267 16.45 -8.37 -29.03
N ALA A 268 16.71 -9.51 -29.65
CA ALA A 268 15.64 -10.35 -30.20
C ALA A 268 14.79 -10.92 -29.07
N ALA A 269 13.47 -11.00 -29.29
CA ALA A 269 12.57 -11.57 -28.31
C ALA A 269 12.02 -12.86 -28.89
N ASP A 270 12.92 -13.69 -29.41
CA ASP A 270 12.52 -14.86 -30.20
C ASP A 270 12.75 -16.21 -29.53
N TYR A 271 13.74 -16.31 -28.65
CA TYR A 271 14.16 -17.63 -28.14
C TYR A 271 14.20 -17.61 -26.63
N ASN A 272 13.56 -18.59 -26.00
CA ASN A 272 13.60 -18.64 -24.53
C ASN A 272 15.03 -18.70 -24.04
N THR A 273 15.88 -19.43 -24.76
CA THR A 273 17.27 -19.62 -24.32
C THR A 273 18.14 -18.35 -24.36
N ASP A 274 17.64 -17.31 -25.03
CA ASP A 274 18.38 -16.05 -25.09
C ASP A 274 18.14 -15.26 -23.81
N LEU A 275 17.17 -15.73 -23.01
CA LEU A 275 16.79 -15.08 -21.76
C LEU A 275 16.47 -13.62 -22.01
N TRP A 276 15.77 -13.36 -23.11
CA TRP A 276 15.44 -11.98 -23.45
C TRP A 276 14.47 -11.39 -22.44
N LYS A 277 13.58 -12.20 -21.87
CA LYS A 277 12.66 -11.64 -20.89
C LYS A 277 13.43 -11.19 -19.65
N ASP A 278 14.42 -11.98 -19.26
CA ASP A 278 15.19 -11.66 -18.07
C ASP A 278 16.01 -10.40 -18.30
N GLN A 279 16.59 -10.31 -19.50
CA GLN A 279 17.42 -9.17 -19.84
C GLN A 279 16.56 -7.91 -19.94
N ALA A 280 15.42 -8.04 -20.59
CA ALA A 280 14.44 -6.94 -20.64
C ALA A 280 14.03 -6.50 -19.23
N LEU A 281 13.75 -7.46 -18.36
CA LEU A 281 13.37 -7.14 -16.98
C LEU A 281 14.44 -6.36 -16.25
N VAL A 282 15.69 -6.77 -16.43
CA VAL A 282 16.77 -6.08 -15.74
C VAL A 282 16.87 -4.65 -16.26
N GLU A 283 16.82 -4.49 -17.58
CA GLU A 283 16.95 -3.15 -18.14
C GLU A 283 15.78 -2.27 -17.77
N LEU A 284 14.57 -2.84 -17.78
CA LEU A 284 13.38 -2.10 -17.35
C LEU A 284 13.48 -1.71 -15.88
N ASN A 285 13.97 -2.63 -15.07
CA ASN A 285 14.14 -2.31 -13.66
C ASN A 285 15.24 -1.29 -13.39
N LYS A 286 16.31 -1.33 -14.19
CA LYS A 286 17.35 -0.31 -14.05
C LYS A 286 16.78 1.05 -14.43
N ALA A 287 15.93 1.06 -15.45
CA ALA A 287 15.33 2.29 -15.93
C ALA A 287 14.43 2.88 -14.88
N VAL A 288 13.61 2.03 -14.26
CA VAL A 288 12.69 2.51 -13.23
C VAL A 288 13.47 3.15 -12.08
N LEU A 289 14.54 2.51 -11.62
CA LEU A 289 15.28 3.07 -10.49
C LEU A 289 15.95 4.35 -10.86
N HIS A 290 16.51 4.38 -12.06
CA HIS A 290 17.20 5.56 -12.56
C HIS A 290 16.23 6.73 -12.65
N SER A 291 15.05 6.46 -13.19
CA SER A 291 14.07 7.48 -13.46
C SER A 291 13.53 8.12 -12.19
N TYR A 292 13.24 7.29 -11.19
CA TYR A 292 12.78 7.79 -9.91
C TYR A 292 13.84 8.61 -9.22
N LYS A 293 15.07 8.11 -9.21
CA LYS A 293 16.20 8.84 -8.63
C LYS A 293 16.39 10.17 -9.36
N LYS A 294 16.33 10.13 -10.68
CA LYS A 294 16.54 11.33 -11.48
C LYS A 294 15.50 12.39 -11.15
N GLN A 295 14.27 11.95 -10.91
CA GLN A 295 13.19 12.89 -10.61
C GLN A 295 13.14 13.27 -9.12
N GLY A 296 14.01 12.71 -8.31
CA GLY A 296 13.99 13.07 -6.90
C GLY A 296 12.78 12.48 -6.21
N VAL A 297 12.30 11.35 -6.71
CA VAL A 297 11.24 10.60 -6.04
C VAL A 297 11.78 9.36 -5.35
N SER A 298 11.43 9.18 -4.08
CA SER A 298 11.91 8.05 -3.29
C SER A 298 11.60 6.71 -3.93
N ILE A 299 12.58 5.81 -3.88
CA ILE A 299 12.42 4.47 -4.37
C ILE A 299 13.54 3.65 -3.74
N VAL A 300 13.36 2.35 -3.64
CA VAL A 300 14.42 1.52 -3.14
C VAL A 300 14.60 0.35 -4.09
N ASP A 301 15.84 -0.06 -4.31
CA ASP A 301 16.09 -1.24 -5.13
C ASP A 301 15.95 -2.46 -4.22
N HIS A 302 15.73 -3.63 -4.81
CA HIS A 302 15.41 -4.79 -3.99
C HIS A 302 16.60 -5.28 -3.18
N HIS A 303 17.82 -4.98 -3.62
CA HIS A 303 19.00 -5.39 -2.85
C HIS A 303 19.08 -4.57 -1.59
N THR A 304 18.92 -3.26 -1.75
CA THR A 304 18.99 -2.38 -0.58
C THR A 304 17.83 -2.71 0.35
N ALA A 305 16.65 -2.91 -0.22
CA ALA A 305 15.48 -3.26 0.59
C ALA A 305 15.73 -4.54 1.39
N ALA A 306 16.31 -5.56 0.77
CA ALA A 306 16.58 -6.79 1.49
C ALA A 306 17.61 -6.58 2.58
N SER A 307 18.61 -5.74 2.33
CA SER A 307 19.59 -5.43 3.37
C SER A 307 18.93 -4.72 4.54
N GLN A 308 18.02 -3.81 4.23
CA GLN A 308 17.24 -3.16 5.29
C GLN A 308 16.42 -4.20 6.03
N PHE A 309 15.81 -5.13 5.30
CA PHE A 309 14.99 -6.15 5.95
C PHE A 309 15.84 -7.02 6.85
N LYS A 310 17.07 -7.31 6.44
CA LYS A 310 17.95 -8.10 7.30
C LYS A 310 18.14 -7.37 8.62
N ARG A 311 18.29 -6.05 8.55
CA ARG A 311 18.44 -5.27 9.79
C ARG A 311 17.16 -5.32 10.61
N PHE A 312 16.00 -5.34 9.95
CA PHE A 312 14.75 -5.51 10.67
C PHE A 312 14.73 -6.84 11.40
N GLU A 313 15.20 -7.90 10.72
CA GLU A 313 15.30 -9.20 11.36
C GLU A 313 16.21 -9.13 12.58
N GLU A 314 17.37 -8.49 12.43
CA GLU A 314 18.32 -8.39 13.54
C GLU A 314 17.71 -7.56 14.67
N GLN A 315 17.01 -6.48 14.32
CA GLN A 315 16.35 -5.66 15.33
C GLN A 315 15.29 -6.44 16.09
N ALA A 316 14.52 -7.26 15.36
CA ALA A 316 13.50 -8.10 15.99
C ALA A 316 14.12 -9.06 16.99
N GLU A 317 15.14 -9.77 16.56
CA GLU A 317 15.82 -10.72 17.43
C GLU A 317 16.38 -10.01 18.67
N GLU A 318 16.94 -8.84 18.46
CA GLU A 318 17.54 -8.08 19.55
C GLU A 318 16.48 -7.52 20.52
N ALA A 319 15.27 -7.27 20.02
CA ALA A 319 14.19 -6.76 20.85
C ALA A 319 13.43 -7.90 21.52
N GLY A 320 13.79 -9.13 21.19
CA GLY A 320 13.09 -10.30 21.72
C GLY A 320 11.73 -10.53 21.10
N ARG A 321 11.48 -9.91 19.94
CA ARG A 321 10.22 -10.13 19.23
C ARG A 321 10.36 -11.25 18.20
N LYS A 322 9.38 -12.14 18.18
CA LYS A 322 9.32 -13.15 17.13
C LYS A 322 9.18 -12.40 15.82
N LEU A 323 9.89 -12.87 14.80
CA LEU A 323 9.79 -12.27 13.49
C LEU A 323 8.83 -13.11 12.67
N THR A 324 7.88 -12.48 12.02
CA THR A 324 7.02 -13.21 11.11
C THR A 324 7.20 -12.70 9.68
N GLY A 325 6.99 -13.59 8.71
CA GLY A 325 7.25 -13.21 7.34
C GLY A 325 6.64 -14.20 6.38
N ASP A 326 6.30 -13.71 5.19
CA ASP A 326 5.78 -14.54 4.14
C ASP A 326 6.85 -14.57 3.06
N TRP A 327 7.61 -15.66 3.02
CA TRP A 327 8.75 -15.79 2.13
C TRP A 327 8.33 -15.50 0.70
N THR A 328 7.13 -15.94 0.33
CA THR A 328 6.71 -15.86 -1.06
C THR A 328 6.49 -14.42 -1.51
N TRP A 329 6.23 -13.54 -0.55
CA TRP A 329 6.07 -12.13 -0.87
C TRP A 329 7.33 -11.35 -0.58
N LEU A 330 8.16 -11.86 0.32
CA LEU A 330 9.36 -11.13 0.73
C LEU A 330 10.44 -11.20 -0.33
N ILE A 331 10.57 -12.34 -1.01
CA ILE A 331 11.58 -12.44 -2.05
C ILE A 331 11.21 -11.51 -3.21
N PRO A 332 12.20 -10.80 -3.77
CA PRO A 332 11.86 -9.93 -4.90
C PRO A 332 11.68 -10.76 -6.15
N PRO A 333 10.86 -10.27 -7.10
CA PRO A 333 10.57 -11.03 -8.31
C PRO A 333 11.72 -11.03 -9.33
N ILE A 334 12.82 -10.33 -9.04
CA ILE A 334 14.02 -10.52 -9.86
C ILE A 334 15.27 -10.75 -9.00
N SER A 335 16.12 -11.65 -9.45
CA SER A 335 17.27 -12.12 -8.66
C SER A 335 16.97 -12.42 -7.19
N PRO A 336 15.85 -13.14 -6.90
CA PRO A 336 15.59 -13.38 -5.47
C PRO A 336 16.71 -14.11 -4.77
N ALA A 337 17.40 -15.03 -5.44
CA ALA A 337 18.46 -15.79 -4.79
C ALA A 337 19.68 -14.94 -4.45
N ALA A 338 19.71 -13.72 -4.98
CA ALA A 338 20.78 -12.78 -4.64
C ALA A 338 20.51 -12.04 -3.33
N THR A 339 19.35 -12.31 -2.70
CA THR A 339 19.02 -11.69 -1.42
C THR A 339 19.12 -12.75 -0.33
N HIS A 340 19.34 -12.33 0.92
CA HIS A 340 19.44 -13.29 2.02
C HIS A 340 18.07 -13.93 2.31
N ILE A 341 17.02 -13.19 2.00
CA ILE A 341 15.65 -13.65 2.23
C ILE A 341 15.41 -15.03 1.61
N PHE A 342 15.83 -15.17 0.36
CA PHE A 342 15.66 -16.41 -0.37
C PHE A 342 16.26 -17.60 0.37
N HIS A 343 17.34 -17.36 1.10
CA HIS A 343 18.09 -18.46 1.70
C HIS A 343 17.71 -18.75 3.14
N ARG A 344 16.62 -18.17 3.61
CA ARG A 344 16.12 -18.58 4.92
C ARG A 344 14.62 -18.75 4.89
N SER A 345 14.06 -19.17 6.01
CA SER A 345 12.62 -19.38 6.08
C SER A 345 12.00 -18.45 7.10
N TYR A 346 10.71 -18.21 6.93
CA TYR A 346 9.98 -17.27 7.78
C TYR A 346 8.70 -17.89 8.30
N ASP A 347 8.42 -17.64 9.56
CA ASP A 347 7.17 -18.05 10.20
C ASP A 347 6.06 -17.15 9.67
N ASN A 348 5.13 -17.71 8.90
CA ASN A 348 4.06 -16.89 8.32
C ASN A 348 2.85 -16.74 9.26
N SER A 349 3.10 -16.75 10.56
CA SER A 349 2.01 -16.59 11.53
C SER A 349 1.42 -15.19 11.47
N ILE A 350 0.11 -15.09 11.68
CA ILE A 350 -0.55 -13.79 11.70
C ILE A 350 -0.55 -13.23 13.12
N VAL A 351 0.09 -12.08 13.31
CA VAL A 351 0.11 -11.40 14.61
C VAL A 351 -0.64 -10.08 14.42
N LYS A 352 -1.44 -9.72 15.41
CA LYS A 352 -2.18 -8.45 15.39
C LYS A 352 -1.55 -7.49 16.38
N PRO A 353 -1.67 -6.17 16.14
CA PRO A 353 -2.34 -5.48 15.02
C PRO A 353 -1.76 -5.84 13.66
N ASN A 354 -2.57 -5.68 12.62
CA ASN A 354 -2.14 -6.02 11.28
C ASN A 354 -3.08 -5.40 10.25
N TYR A 355 -2.68 -5.47 8.98
CA TYR A 355 -3.51 -5.00 7.87
C TYR A 355 -4.09 -6.24 7.20
N PHE A 356 -5.37 -6.18 6.87
CA PHE A 356 -6.07 -7.34 6.33
C PHE A 356 -6.83 -6.99 5.06
N TYR A 357 -6.97 -7.97 4.19
CA TYR A 357 -7.83 -7.84 3.02
C TYR A 357 -9.25 -7.72 3.50
N GLN A 358 -10.08 -7.03 2.72
CA GLN A 358 -11.51 -7.04 2.95
C GLN A 358 -12.18 -7.15 1.60
N ASP A 359 -13.44 -7.59 1.58
CA ASP A 359 -14.16 -7.74 0.32
C ASP A 359 -14.30 -6.40 -0.41
N LYS A 360 -14.16 -6.43 -1.73
CA LYS A 360 -14.38 -5.26 -2.57
C LYS A 360 -15.87 -4.88 -2.52
N PRO A 361 -16.18 -3.57 -2.51
CA PRO A 361 -17.58 -3.15 -2.52
C PRO A 361 -18.20 -3.14 -3.91
N TYR A 362 -17.40 -3.44 -4.93
CA TYR A 362 -17.88 -3.54 -6.31
C TYR A 362 -17.43 -4.89 -6.87
N GLU A 363 -17.83 -5.31 -7.96
CHA HEM B . 3.75 -5.42 0.91
CHB HEM B . 7.76 -2.77 0.32
CHC HEM B . 5.97 0.53 3.41
CHD HEM B . 2.42 -2.57 4.60
C1A HEM B . 4.90 -4.85 0.42
C2A HEM B . 5.49 -5.30 -0.78
C3A HEM B . 6.61 -4.55 -0.95
C4A HEM B . 6.72 -3.66 0.13
CMA HEM B . 7.58 -4.65 -2.10
CAA HEM B . 4.95 -6.36 -1.72
CBA HEM B . 5.86 -7.59 -1.83
CGA HEM B . 5.59 -8.38 -3.08
O1A HEM B . 6.00 -9.57 -3.18
O2A HEM B . 4.97 -7.87 -4.05
C1B HEM B . 7.58 -1.62 1.09
C2B HEM B . 8.46 -0.50 1.02
C3B HEM B . 7.98 0.44 1.88
C4B HEM B . 6.77 -0.15 2.50
CMB HEM B . 9.68 -0.35 0.15
CAB HEM B . 8.58 1.78 2.12
CBB HEM B . 8.58 2.37 3.31
C1C HEM B . 4.79 0.02 3.97
C2C HEM B . 3.95 0.66 4.88
C3C HEM B . 2.93 -0.22 5.24
C4C HEM B . 3.18 -1.42 4.51
CMC HEM B . 4.15 2.09 5.35
CAC HEM B . 1.80 0.02 6.17
CBC HEM B . 1.79 0.93 7.17
C1D HEM B . 2.54 -3.55 3.62
C2D HEM B . 1.50 -4.58 3.50
C3D HEM B . 1.85 -5.37 2.49
C4D HEM B . 3.12 -4.83 1.98
CMD HEM B . 0.26 -4.75 4.34
CAD HEM B . 1.07 -6.56 1.99
CBD HEM B . 0.01 -6.06 1.01
CGD HEM B . -0.84 -7.19 0.47
O1D HEM B . -1.35 -7.08 -0.66
O2D HEM B . -1.05 -8.23 1.13
NA HEM B . 5.67 -3.86 0.99
NB HEM B . 6.59 -1.36 1.94
NC HEM B . 4.33 -1.25 3.78
ND HEM B . 3.49 -3.73 2.67
FE HEM B . 5.08 -2.69 2.51
CL CL C . 1.67 -1.10 -7.14
C29 S97 D . 2.46 0.29 1.19
C26 S97 D . 3.05 -0.47 0.19
C27 S97 D . 2.47 -1.63 -0.30
C25 S97 D . 4.26 -0.03 -0.33
C24 S97 D . 4.86 -0.75 -1.34
N28 S97 D . 6.02 -0.31 -1.83
N23 S97 D . 4.27 -1.88 -1.80
C22 S97 D . 3.08 -2.34 -1.32
C21 S97 D . 2.53 -3.54 -1.80
C20 S97 D . 1.58 -3.38 -3.01
C16 S97 D . 1.04 -4.61 -3.48
C17 S97 D . 1.85 -5.62 -4.05
C15 S97 D . -0.34 -4.84 -3.40
C14 S97 D . -0.89 -6.04 -3.87
C18 S97 D . -2.27 -6.28 -3.79
N19 S97 D . -2.57 -7.49 -2.99
C13 S97 D . -0.07 -7.00 -4.43
C12 S97 D . 1.32 -6.82 -4.56
C11 S97 D . 2.13 -7.85 -5.10
C10 S97 D . 1.25 -9.11 -5.17
C07 S97 D . 1.77 -10.37 -5.51
N06 S97 D . 2.74 -10.93 -4.77
C05 S97 D . 3.19 -12.17 -5.06
N01 S97 D . 4.15 -12.91 -4.50
C02 S97 D . 4.21 -14.07 -5.14
C03 S97 D . 3.28 -14.06 -6.10
C04 S97 D . 2.66 -12.89 -6.05
C09 S97 D . 1.66 -12.40 -6.78
C08 S97 D . 1.17 -11.12 -6.52
O POL E . 3.26 -3.30 -6.16
C1 POL E . 3.71 -4.63 -6.49
C2 POL E . 3.44 -4.91 -7.96
C3 POL E . 2.55 -6.12 -8.15
C1 GOL F . 15.99 6.34 0.79
O1 GOL F . 15.86 7.32 1.81
C2 GOL F . 14.61 5.92 0.33
O2 GOL F . 14.72 4.69 -0.39
C3 GOL F . 14.16 7.02 -0.60
O3 GOL F . 14.81 6.93 -1.87
C1 GOL G . -1.77 -3.59 -22.29
O1 GOL G . -3.00 -4.06 -21.72
C2 GOL G . -1.63 -2.08 -22.05
O2 GOL G . -2.37 -1.37 -23.05
C3 GOL G . -0.16 -1.73 -22.15
O3 GOL G . 0.03 -0.59 -22.99
#